data_7KIK
#
_entry.id   7KIK
#
_cell.length_a   94.252
_cell.length_b   94.252
_cell.length_c   50.107
_cell.angle_alpha   90.000
_cell.angle_beta   90.000
_cell.angle_gamma   90.000
#
_symmetry.space_group_name_H-M   'I 4'
#
loop_
_entity.id
_entity.type
_entity.pdbx_description
1 polymer 'Replication-associated protein'
2 polymer "DNA (5'-D(*TP*AP*AP*TP*AP*TP*TP*AP*CP*C)-3')"
3 non-polymer 'MANGANESE (II) ION'
4 water water
#
loop_
_entity_poly.entity_id
_entity_poly.type
_entity_poly.pdbx_seq_one_letter_code
_entity_poly.pdbx_strand_id
1 'polypeptide(L)'
;SPFSIFHPNIQAAKDCNQVRDFITKEVDSDVNTAEWGTFVAVSTPGRKDRDADMASSSTPRFRVYSKYLFLTYPQCTLEP
QYALDSLRTLLNKYEPLYIAAVRELHEDGSPHLHVLVQNKLRASITNPNALNLRMDT
;
A
2 'polydeoxyribonucleotide' (DT)(DA)(DA)(DT)(DA)(DT)(DT)(DA)(DC)(DC) C
#
# COMPACT_ATOMS: atom_id res chain seq x y z
N SER A 1 -7.34 15.90 10.78
CA SER A 1 -7.82 17.20 10.34
C SER A 1 -8.30 17.15 8.89
N PRO A 2 -9.30 17.96 8.56
CA PRO A 2 -9.94 17.85 7.23
C PRO A 2 -8.95 17.98 6.09
N PHE A 3 -9.11 17.10 5.09
CA PHE A 3 -8.35 17.16 3.84
C PHE A 3 -6.85 17.02 4.09
N SER A 4 -6.50 16.17 5.04
CA SER A 4 -5.09 15.89 5.29
C SER A 4 -4.47 15.18 4.08
N ILE A 5 -3.19 15.47 3.83
CA ILE A 5 -2.39 14.70 2.88
C ILE A 5 -1.68 13.60 3.64
N PHE A 6 -1.69 12.39 3.09
CA PHE A 6 -1.06 11.23 3.71
C PHE A 6 0.14 10.80 2.89
N HIS A 7 1.30 10.79 3.52
CA HIS A 7 2.56 10.40 2.93
C HIS A 7 2.96 9.03 3.46
N PRO A 8 3.23 8.06 2.59
CA PRO A 8 3.63 6.72 3.04
C PRO A 8 5.13 6.54 3.14
N ASN A 9 5.52 5.60 4.00
CA ASN A 9 6.80 4.93 3.87
C ASN A 9 6.70 3.98 2.68
N ILE A 10 7.55 4.18 1.67
CA ILE A 10 7.59 3.37 0.46
C ILE A 10 8.80 2.46 0.50
N GLN A 11 8.57 1.16 0.34
CA GLN A 11 9.69 0.22 0.27
C GLN A 11 9.45 -0.79 -0.85
N ALA A 12 10.55 -1.27 -1.43
CA ALA A 12 10.51 -2.43 -2.31
C ALA A 12 10.34 -3.67 -1.45
N ALA A 13 9.27 -4.42 -1.67
CA ALA A 13 8.96 -5.56 -0.82
C ALA A 13 9.97 -6.67 -1.06
N LYS A 14 10.62 -7.13 0.02
CA LYS A 14 11.63 -8.18 -0.12
C LYS A 14 11.01 -9.56 -0.33
N ASP A 15 9.87 -9.80 0.31
CA ASP A 15 9.20 -11.10 0.21
C ASP A 15 7.71 -10.83 0.31
N CYS A 16 7.03 -10.90 -0.84
CA CYS A 16 5.60 -10.59 -0.88
C CYS A 16 4.81 -11.50 0.04
N ASN A 17 5.23 -12.76 0.17
CA ASN A 17 4.47 -13.66 1.02
C ASN A 17 4.51 -13.21 2.48
N GLN A 18 5.72 -12.88 2.95
CA GLN A 18 5.87 -12.40 4.32
C GLN A 18 5.16 -11.08 4.52
N VAL A 19 5.20 -10.19 3.52
CA VAL A 19 4.51 -8.92 3.68
C VAL A 19 3.02 -9.13 3.79
N ARG A 20 2.46 -10.00 2.92
CA ARG A 20 1.01 -10.23 2.99
C ARG A 20 0.61 -10.85 4.31
N ASP A 21 1.38 -11.83 4.80
CA ASP A 21 1.11 -12.39 6.13
C ASP A 21 1.14 -11.31 7.21
N PHE A 22 2.13 -10.42 7.12
CA PHE A 22 2.33 -9.38 8.13
C PHE A 22 1.18 -8.39 8.16
N ILE A 23 0.70 -7.95 7.01
CA ILE A 23 -0.36 -6.94 7.04
C ILE A 23 -1.73 -7.53 7.30
N THR A 24 -1.87 -8.86 7.26
CA THR A 24 -3.12 -9.51 7.65
C THR A 24 -2.98 -10.20 9.00
N LYS A 25 -2.05 -9.74 9.84
CA LYS A 25 -1.71 -10.46 11.06
C LYS A 25 -2.77 -10.34 12.15
N GLU A 26 -3.60 -9.29 12.13
CA GLU A 26 -4.55 -9.08 13.22
C GLU A 26 -5.76 -9.98 13.05
N VAL A 27 -6.32 -10.42 14.20
CA VAL A 27 -7.45 -11.35 14.17
C VAL A 27 -8.66 -10.74 13.48
N ASP A 28 -8.77 -9.41 13.46
CA ASP A 28 -9.91 -8.75 12.81
C ASP A 28 -9.51 -8.11 11.47
N SER A 29 -8.43 -8.59 10.86
CA SER A 29 -7.99 -7.99 9.60
C SER A 29 -9.00 -8.20 8.48
N ASP A 30 -9.80 -9.27 8.55
CA ASP A 30 -10.71 -9.59 7.46
C ASP A 30 -11.65 -8.42 7.14
N VAL A 31 -12.22 -7.79 8.17
CA VAL A 31 -13.12 -6.66 7.93
C VAL A 31 -12.38 -5.36 7.70
N ASN A 32 -11.05 -5.37 7.78
CA ASN A 32 -10.23 -4.19 7.56
C ASN A 32 -9.42 -4.29 6.27
N THR A 33 -9.73 -5.25 5.41
CA THR A 33 -8.93 -5.57 4.23
C THR A 33 -9.70 -5.27 2.95
N ALA A 34 -9.03 -4.63 1.99
CA ALA A 34 -9.47 -4.57 0.61
C ALA A 34 -8.45 -5.26 -0.28
N GLU A 35 -8.94 -6.03 -1.25
CA GLU A 35 -8.10 -6.77 -2.17
C GLU A 35 -8.58 -6.56 -3.60
N TRP A 36 -7.66 -6.65 -4.55
CA TRP A 36 -7.98 -6.58 -5.96
C TRP A 36 -6.96 -7.41 -6.73
N GLY A 37 -7.45 -8.16 -7.72
CA GLY A 37 -6.57 -8.88 -8.61
C GLY A 37 -6.30 -10.29 -8.13
N THR A 38 -5.24 -10.87 -8.68
CA THR A 38 -4.84 -12.25 -8.40
C THR A 38 -3.42 -12.25 -7.86
N PHE A 39 -3.24 -12.88 -6.70
CA PHE A 39 -1.95 -12.85 -6.02
C PHE A 39 -0.86 -13.48 -6.90
N VAL A 40 0.27 -12.80 -7.02
CA VAL A 40 1.37 -13.25 -7.87
C VAL A 40 2.28 -14.12 -7.04
N ALA A 41 2.54 -15.34 -7.53
CA ALA A 41 3.48 -16.24 -6.87
C ALA A 41 4.88 -15.83 -7.30
N VAL A 42 5.59 -15.12 -6.44
CA VAL A 42 6.86 -14.53 -6.81
C VAL A 42 7.97 -15.57 -6.63
N SER A 43 8.85 -15.64 -7.62
CA SER A 43 10.00 -16.54 -7.59
C SER A 43 11.18 -15.82 -6.94
N THR A 44 11.82 -16.51 -6.00
CA THR A 44 12.95 -15.92 -5.26
C THR A 44 14.24 -15.97 -6.08
N ARG A 61 18.42 12.07 -2.16
CA ARG A 61 17.76 11.44 -3.29
C ARG A 61 16.98 10.22 -2.82
N PHE A 62 15.92 9.89 -3.55
CA PHE A 62 15.08 8.74 -3.23
C PHE A 62 14.88 7.90 -4.48
N ARG A 63 14.93 6.58 -4.32
N ARG A 63 14.88 6.58 -4.31
CA ARG A 63 14.67 5.71 -5.46
CA ARG A 63 14.70 5.69 -5.45
C ARG A 63 14.20 4.34 -4.99
C ARG A 63 14.21 4.34 -4.98
N VAL A 64 13.07 3.89 -5.53
CA VAL A 64 12.61 2.52 -5.42
C VAL A 64 12.46 2.00 -6.83
N TYR A 65 12.96 0.79 -7.09
CA TYR A 65 12.88 0.21 -8.44
C TYR A 65 12.48 -1.25 -8.29
N SER A 66 11.19 -1.52 -8.42
CA SER A 66 10.70 -2.87 -8.14
C SER A 66 9.28 -3.04 -8.68
N LYS A 67 8.93 -4.29 -8.98
CA LYS A 67 7.52 -4.61 -9.26
C LYS A 67 6.69 -4.70 -7.98
N TYR A 68 7.33 -4.82 -6.82
CA TYR A 68 6.65 -5.19 -5.58
C TYR A 68 6.90 -4.10 -4.54
N LEU A 69 5.82 -3.46 -4.11
CA LEU A 69 5.87 -2.34 -3.19
C LEU A 69 5.18 -2.69 -1.87
N PHE A 70 5.80 -2.28 -0.78
CA PHE A 70 5.24 -2.39 0.57
C PHE A 70 5.10 -0.96 1.10
N LEU A 71 3.86 -0.48 1.22
CA LEU A 71 3.59 0.89 1.62
C LEU A 71 2.99 0.92 3.02
N THR A 72 3.39 1.90 3.83
CA THR A 72 2.80 2.11 5.14
C THR A 72 2.43 3.58 5.27
N TYR A 73 1.14 3.85 5.51
CA TYR A 73 0.62 5.18 5.73
C TYR A 73 0.34 5.36 7.22
N PRO A 74 1.26 5.93 8.00
CA PRO A 74 0.99 6.11 9.43
C PRO A 74 -0.05 7.21 9.64
N GLN A 75 -0.77 7.09 10.76
CA GLN A 75 -1.80 8.05 11.16
C GLN A 75 -2.66 8.47 9.97
N CYS A 76 -3.36 7.48 9.42
CA CYS A 76 -4.05 7.64 8.15
C CYS A 76 -5.44 7.04 8.25
N THR A 77 -6.47 7.86 8.04
CA THR A 77 -7.85 7.46 8.19
C THR A 77 -8.51 7.07 6.86
N LEU A 78 -7.74 6.96 5.77
CA LEU A 78 -8.29 6.54 4.49
C LEU A 78 -8.92 5.16 4.61
N GLU A 79 -10.07 4.97 3.96
CA GLU A 79 -10.63 3.62 3.88
C GLU A 79 -9.73 2.73 3.04
N PRO A 80 -9.46 1.50 3.47
CA PRO A 80 -8.62 0.61 2.64
C PRO A 80 -9.07 0.54 1.19
N GLN A 81 -10.39 0.48 0.93
CA GLN A 81 -10.85 0.30 -0.44
C GLN A 81 -10.52 1.52 -1.30
N TYR A 82 -10.60 2.71 -0.71
CA TYR A 82 -10.37 3.92 -1.51
C TYR A 82 -8.88 4.19 -1.68
N ALA A 83 -8.06 3.86 -0.67
CA ALA A 83 -6.62 3.84 -0.88
C ALA A 83 -6.24 2.90 -2.01
N LEU A 84 -6.79 1.68 -1.99
CA LEU A 84 -6.50 0.71 -3.05
C LEU A 84 -6.88 1.25 -4.42
N ASP A 85 -8.10 1.75 -4.57
CA ASP A 85 -8.57 2.22 -5.86
C ASP A 85 -7.68 3.34 -6.38
N SER A 86 -7.26 4.23 -5.50
CA SER A 86 -6.43 5.36 -5.92
C SER A 86 -5.00 4.93 -6.21
N LEU A 87 -4.49 3.93 -5.50
CA LEU A 87 -3.15 3.45 -5.82
C LEU A 87 -3.13 2.69 -7.14
N ARG A 88 -4.21 1.98 -7.47
CA ARG A 88 -4.35 1.36 -8.79
C ARG A 88 -4.18 2.41 -9.88
N THR A 89 -4.79 3.58 -9.71
CA THR A 89 -4.63 4.59 -10.74
C THR A 89 -3.25 5.25 -10.71
N LEU A 90 -2.72 5.59 -9.53
CA LEU A 90 -1.40 6.22 -9.48
C LEU A 90 -0.32 5.30 -10.01
N LEU A 91 -0.50 3.99 -9.88
CA LEU A 91 0.48 3.03 -10.37
C LEU A 91 0.07 2.39 -11.70
N ASN A 92 -0.89 3.00 -12.41
CA ASN A 92 -1.46 2.36 -13.58
C ASN A 92 -0.43 2.06 -14.65
N LYS A 93 0.60 2.91 -14.79
CA LYS A 93 1.56 2.69 -15.87
C LYS A 93 2.35 1.41 -15.68
N TYR A 94 2.39 0.90 -14.46
CA TYR A 94 3.16 -0.31 -14.18
C TYR A 94 2.32 -1.57 -14.23
N GLU A 95 1.04 -1.44 -14.57
CA GLU A 95 0.12 -2.56 -14.77
C GLU A 95 -0.04 -3.37 -13.48
N PRO A 96 -0.73 -2.81 -12.48
CA PRO A 96 -0.94 -3.55 -11.24
C PRO A 96 -1.60 -4.89 -11.51
N LEU A 97 -1.12 -5.93 -10.79
CA LEU A 97 -1.67 -7.27 -10.89
C LEU A 97 -2.45 -7.69 -9.66
N TYR A 98 -2.02 -7.21 -8.49
CA TYR A 98 -2.62 -7.55 -7.20
C TYR A 98 -2.31 -6.42 -6.23
N ILE A 99 -3.30 -6.03 -5.45
CA ILE A 99 -3.13 -5.07 -4.37
C ILE A 99 -3.92 -5.57 -3.17
N ALA A 100 -3.31 -5.46 -1.99
CA ALA A 100 -4.00 -5.67 -0.72
C ALA A 100 -3.73 -4.46 0.15
N ALA A 101 -4.80 -3.86 0.67
CA ALA A 101 -4.69 -2.72 1.58
C ALA A 101 -5.42 -3.08 2.88
N VAL A 102 -4.76 -2.82 4.01
CA VAL A 102 -5.29 -3.25 5.30
C VAL A 102 -5.12 -2.12 6.30
N ARG A 103 -6.17 -1.83 7.05
CA ARG A 103 -6.13 -0.90 8.17
C ARG A 103 -5.73 -1.63 9.45
N GLU A 104 -4.79 -1.06 10.18
CA GLU A 104 -4.47 -1.51 11.54
C GLU A 104 -4.53 -0.30 12.45
N LEU A 105 -4.45 -0.53 13.76
CA LEU A 105 -4.47 0.55 14.74
C LEU A 105 -3.08 0.71 15.34
N HIS A 106 -2.67 1.97 15.52
CA HIS A 106 -1.52 2.23 16.37
C HIS A 106 -1.85 1.87 17.82
N GLU A 107 -0.84 1.94 18.69
CA GLU A 107 -1.09 1.59 20.09
C GLU A 107 -2.11 2.52 20.73
N ASP A 108 -2.13 3.78 20.32
CA ASP A 108 -3.09 4.75 20.83
C ASP A 108 -4.48 4.60 20.23
N GLY A 109 -4.72 3.62 19.37
CA GLY A 109 -6.04 3.39 18.80
C GLY A 109 -6.31 4.10 17.49
N SER A 110 -5.45 4.95 17.06
CA SER A 110 -5.74 5.64 15.81
C SER A 110 -5.24 4.81 14.60
N PRO A 111 -5.89 4.94 13.45
CA PRO A 111 -5.65 3.99 12.36
C PRO A 111 -4.44 4.35 11.50
N HIS A 112 -3.91 3.32 10.84
CA HIS A 112 -2.93 3.47 9.78
C HIS A 112 -3.19 2.39 8.75
N LEU A 113 -2.58 2.55 7.57
CA LEU A 113 -2.73 1.61 6.48
C LEU A 113 -1.41 0.96 6.11
N HIS A 114 -1.48 -0.32 5.71
CA HIS A 114 -0.41 -0.99 4.99
C HIS A 114 -0.96 -1.46 3.65
N VAL A 115 -0.13 -1.39 2.61
CA VAL A 115 -0.51 -1.84 1.27
C VAL A 115 0.61 -2.67 0.67
N LEU A 116 0.25 -3.81 0.07
CA LEU A 116 1.12 -4.59 -0.79
C LEU A 116 0.63 -4.41 -2.21
N VAL A 117 1.51 -3.96 -3.11
CA VAL A 117 1.24 -3.83 -4.53
C VAL A 117 2.18 -4.75 -5.31
N GLN A 118 1.62 -5.57 -6.21
CA GLN A 118 2.40 -6.37 -7.14
C GLN A 118 2.06 -5.92 -8.55
N ASN A 119 3.04 -5.40 -9.26
CA ASN A 119 2.89 -4.90 -10.61
C ASN A 119 3.54 -5.84 -11.63
N LYS A 120 3.06 -5.72 -12.88
CA LYS A 120 3.66 -6.46 -13.98
C LYS A 120 5.02 -5.88 -14.34
N LEU A 121 5.13 -4.55 -14.32
CA LEU A 121 6.33 -3.84 -14.73
C LEU A 121 7.03 -3.24 -13.50
N ARG A 122 8.37 -3.13 -13.58
CA ARG A 122 9.12 -2.49 -12.52
C ARG A 122 8.82 -0.99 -12.50
N ALA A 123 8.40 -0.49 -11.34
CA ALA A 123 8.16 0.94 -11.17
C ALA A 123 9.46 1.61 -10.75
N SER A 124 9.70 2.78 -11.33
CA SER A 124 10.84 3.59 -10.94
C SER A 124 10.27 4.80 -10.20
N ILE A 125 10.36 4.78 -8.88
CA ILE A 125 9.81 5.84 -8.04
C ILE A 125 10.98 6.68 -7.52
N THR A 126 11.12 7.88 -8.05
CA THR A 126 12.16 8.80 -7.63
C THR A 126 11.61 10.02 -6.89
N ASN A 127 10.31 10.28 -7.01
CA ASN A 127 9.66 11.32 -6.24
C ASN A 127 9.09 10.69 -4.98
N PRO A 128 9.61 10.99 -3.79
CA PRO A 128 9.08 10.33 -2.58
C PRO A 128 7.64 10.66 -2.29
N ASN A 129 7.09 11.69 -2.93
CA ASN A 129 5.71 12.09 -2.71
C ASN A 129 4.77 11.52 -3.76
N ALA A 130 5.27 10.65 -4.64
CA ALA A 130 4.48 10.19 -5.79
C ALA A 130 3.22 9.45 -5.36
N LEU A 131 3.24 8.77 -4.20
CA LEU A 131 2.10 7.98 -3.75
C LEU A 131 1.37 8.65 -2.59
N ASN A 132 1.56 9.96 -2.42
CA ASN A 132 0.78 10.69 -1.44
C ASN A 132 -0.68 10.68 -1.85
N LEU A 133 -1.56 10.67 -0.85
CA LEU A 133 -2.99 10.68 -1.09
C LEU A 133 -3.67 11.68 -0.20
N ARG A 134 -4.65 12.38 -0.75
CA ARG A 134 -5.48 13.30 0.00
C ARG A 134 -6.85 12.69 0.22
N MET A 135 -7.39 12.88 1.42
CA MET A 135 -8.71 12.36 1.69
C MET A 135 -9.73 13.42 1.30
N ASP A 136 -10.90 12.96 0.86
CA ASP A 136 -11.91 13.85 0.31
C ASP A 136 -12.82 14.48 1.37
N THR A 137 -12.48 14.35 2.65
CA THR A 137 -13.24 14.98 3.72
C THR A 137 -12.31 15.55 4.78
#